data_5MV7
#
_entry.id   5MV7
#
_cell.length_a   123.670
_cell.length_b   42.810
_cell.length_c   118.370
_cell.angle_alpha   90.00
_cell.angle_beta   97.69
_cell.angle_gamma   90.00
#
_symmetry.space_group_name_H-M   'C 1 2 1'
#
loop_
_entity.id
_entity.type
_entity.pdbx_description
1 polymer 'Unconventional myosin-VIIb'
2 non-polymer TRIS(HYDROXYETHYL)AMINOMETHANE
3 non-polymer 'SULFATE ION'
4 water water
#
_entity_poly.entity_id   1
_entity_poly.type   'polypeptide(L)'
_entity_poly.pdbx_seq_one_letter_code
;HHHHHHSSGHKEKLHTLEEFSYEFFRAPEKDAVSMAVLPLARARGHLWAYSCEPLRQPLLKRVHANVDLWDIACQIFVAI
LRYMGDYPSRQAWPTLELTDQIFTLALQHPALQDEVYCQILKQLTHNSNRHSEERGWQLLWLCTGLFPPSKGLLPHAQKF
IDTRRGKLLAPDCSRRIQKVLRTGPRKQPPHQVEVEAAEQNVSRICHKIYFPNDTSEMLEVVANTRVRDVCDSIATRLQL
ASWEGCSLFIKISDKVISQKEGDFFFDSLREVSDWVKKNKPQKEGAPVTLPYQVYFMRKLWLNISPGKDVNADTILHYHQ
ELPKYLRGFHKCSREDAIHLAGLIYKAQFNNDRSQLASVPKILRELVPENLTRLMSSEEWKKSILLAYDKHKDKTVEEAK
VAFLKWICRWPTFGSAFFEVKQTSEPSYPDVILIAINRHGVLLIHPKTKDLLTTYPFTKISSWSSGSTYFHMALGSLGRG
SRLLCETSLGYKMDDLLTSYVQQLLSAMNKQRGSKAPALAST
;
_entity_poly.pdbx_strand_id   A
#
loop_
_chem_comp.id
_chem_comp.type
_chem_comp.name
_chem_comp.formula
SO4 non-polymer 'SULFATE ION' 'O4 S -2'
TAM non-polymer TRIS(HYDROXYETHYL)AMINOMETHANE 'C7 H17 N O3'
#
# COMPACT_ATOMS: atom_id res chain seq x y z
N HIS A 1 22.16 -13.17 -23.25
CA HIS A 1 23.28 -13.23 -22.31
C HIS A 1 23.15 -12.26 -21.12
N HIS A 2 21.91 -11.85 -20.75
CA HIS A 2 21.66 -10.96 -19.59
C HIS A 2 21.77 -11.75 -18.28
N HIS A 3 21.58 -13.08 -18.38
CA HIS A 3 21.70 -14.08 -17.31
C HIS A 3 23.17 -14.36 -16.94
N HIS A 4 24.12 -13.64 -17.60
CA HIS A 4 25.57 -13.74 -17.41
C HIS A 4 26.20 -12.54 -16.75
N HIS A 5 27.27 -12.80 -15.98
CA HIS A 5 28.16 -11.77 -15.46
C HIS A 5 29.43 -11.89 -16.29
N HIS A 6 29.78 -10.81 -16.99
CA HIS A 6 30.93 -10.75 -17.89
C HIS A 6 32.14 -10.11 -17.22
N SER A 7 33.34 -10.66 -17.49
CA SER A 7 34.58 -10.06 -17.01
C SER A 7 35.74 -10.20 -18.00
N SER A 8 36.72 -9.29 -17.95
CA SER A 8 37.92 -9.27 -18.79
C SER A 8 39.19 -9.15 -17.93
N GLY A 9 38.99 -8.78 -16.67
CA GLY A 9 40.05 -8.59 -15.70
C GLY A 9 40.48 -7.15 -15.52
N HIS A 10 40.23 -6.33 -16.55
CA HIS A 10 40.54 -4.92 -16.60
C HIS A 10 39.29 -4.11 -16.98
N LYS A 11 39.39 -2.78 -16.83
CA LYS A 11 38.33 -1.83 -17.20
C LYS A 11 38.30 -1.70 -18.71
N GLU A 12 37.12 -1.96 -19.27
CA GLU A 12 36.83 -1.85 -20.69
C GLU A 12 36.41 -0.40 -20.96
N LYS A 13 36.46 -0.01 -22.23
CA LYS A 13 36.02 1.30 -22.72
C LYS A 13 34.58 1.51 -22.27
N LEU A 14 34.23 2.74 -21.83
CA LEU A 14 32.87 3.08 -21.42
C LEU A 14 31.93 2.96 -22.62
N HIS A 15 30.97 2.03 -22.52
CA HIS A 15 30.00 1.73 -23.57
C HIS A 15 28.94 2.84 -23.76
N THR A 16 28.81 3.31 -25.02
CA THR A 16 27.86 4.34 -25.44
C THR A 16 26.80 3.71 -26.33
N LEU A 17 25.74 4.48 -26.69
CA LEU A 17 24.71 3.99 -27.61
C LEU A 17 25.05 4.36 -29.08
N GLU A 18 26.33 4.73 -29.37
CA GLU A 18 26.81 5.06 -30.70
C GLU A 18 26.53 3.96 -31.75
N GLU A 19 26.95 2.72 -31.49
CA GLU A 19 26.75 1.59 -32.40
C GLU A 19 25.25 1.25 -32.52
N PHE A 20 24.54 1.23 -31.37
CA PHE A 20 23.10 0.97 -31.31
C PHE A 20 22.33 2.00 -32.14
N SER A 21 22.68 3.29 -31.98
CA SER A 21 22.09 4.42 -32.70
C SER A 21 22.09 4.26 -34.22
N TYR A 22 23.20 3.80 -34.79
CA TYR A 22 23.39 3.56 -36.22
C TYR A 22 22.27 2.74 -36.88
N GLU A 23 21.59 1.88 -36.12
CA GLU A 23 20.53 0.98 -36.60
C GLU A 23 19.14 1.35 -36.09
N PHE A 24 19.04 1.78 -34.81
CA PHE A 24 17.78 2.00 -34.13
C PHE A 24 17.38 3.46 -33.90
N PHE A 25 18.36 4.38 -33.81
CA PHE A 25 18.05 5.78 -33.68
C PHE A 25 17.71 6.33 -35.07
N ARG A 26 16.85 7.37 -35.12
CA ARG A 26 16.51 7.99 -36.40
C ARG A 26 17.64 8.90 -36.86
N ALA A 27 17.56 9.38 -38.11
CA ALA A 27 18.54 10.24 -38.73
C ALA A 27 18.83 11.54 -37.92
N PRO A 28 20.12 11.79 -37.56
CA PRO A 28 20.44 13.03 -36.85
C PRO A 28 20.23 14.27 -37.72
N GLU A 29 19.61 15.32 -37.15
CA GLU A 29 19.37 16.57 -37.89
C GLU A 29 20.70 17.36 -38.04
N LYS A 30 21.26 17.37 -39.28
CA LYS A 30 22.55 18.01 -39.59
C LYS A 30 22.50 19.55 -39.49
N ASP A 31 21.89 20.28 -40.43
CA ASP A 31 21.73 21.74 -40.28
C ASP A 31 20.48 22.25 -41.02
N VAL A 33 16.83 25.53 -44.78
CA VAL A 33 17.12 26.85 -45.33
C VAL A 33 17.50 27.84 -44.21
N SER A 34 18.67 28.49 -44.32
CA SER A 34 19.16 29.42 -43.30
C SER A 34 19.10 30.90 -43.72
N MET A 35 18.92 31.78 -42.71
CA MET A 35 18.85 33.25 -42.81
C MET A 35 19.80 33.83 -41.76
N ALA A 36 20.58 34.87 -42.13
CA ALA A 36 21.54 35.52 -41.22
C ALA A 36 20.90 36.26 -40.04
N VAL A 37 19.61 36.60 -40.14
CA VAL A 37 18.87 37.29 -39.08
C VAL A 37 18.52 36.30 -37.92
N LEU A 38 18.22 35.02 -38.26
CA LEU A 38 17.87 33.96 -37.30
C LEU A 38 19.07 33.54 -36.42
N PRO A 39 18.88 33.31 -35.09
CA PRO A 39 20.02 32.89 -34.24
C PRO A 39 20.63 31.53 -34.66
N LEU A 40 21.95 31.37 -34.41
CA LEU A 40 22.77 30.21 -34.78
C LEU A 40 22.21 28.84 -34.38
N ALA A 41 21.62 28.72 -33.15
CA ALA A 41 21.07 27.49 -32.54
C ALA A 41 22.19 26.43 -32.47
N ARG A 42 23.10 26.63 -31.50
CA ARG A 42 24.33 25.89 -31.23
C ARG A 42 24.17 24.45 -30.67
N ALA A 43 25.30 23.91 -30.13
CA ALA A 43 25.50 22.59 -29.51
C ALA A 43 25.07 21.42 -30.40
N ARG A 44 25.66 21.35 -31.61
CA ARG A 44 25.39 20.29 -32.58
C ARG A 44 26.31 19.08 -32.31
N GLY A 45 26.04 18.39 -31.21
CA GLY A 45 26.76 17.20 -30.76
C GLY A 45 26.05 15.92 -31.14
N HIS A 46 26.53 14.78 -30.63
CA HIS A 46 25.91 13.48 -30.92
C HIS A 46 24.52 13.33 -30.30
N LEU A 47 23.64 12.62 -31.03
CA LEU A 47 22.26 12.34 -30.68
C LEU A 47 22.17 11.31 -29.55
N TRP A 48 23.20 10.45 -29.44
CA TRP A 48 23.39 9.37 -28.46
C TRP A 48 24.25 9.83 -27.27
N ALA A 49 24.61 11.13 -27.24
CA ALA A 49 25.42 11.73 -26.17
C ALA A 49 24.71 12.94 -25.52
N TYR A 50 25.10 13.33 -24.29
CA TYR A 50 24.52 14.41 -23.51
C TYR A 50 24.27 15.72 -24.29
N SER A 51 23.02 16.20 -24.23
CA SER A 51 22.59 17.46 -24.83
C SER A 51 21.71 18.22 -23.84
N CYS A 52 22.06 19.49 -23.57
CA CYS A 52 21.33 20.41 -22.68
C CYS A 52 20.19 21.06 -23.47
N GLU A 53 20.17 20.86 -24.81
CA GLU A 53 19.18 21.40 -25.74
C GLU A 53 18.02 20.40 -25.82
N PRO A 54 16.76 20.84 -25.64
CA PRO A 54 15.63 19.90 -25.74
C PRO A 54 15.54 19.18 -27.10
N LEU A 55 14.94 17.98 -27.12
CA LEU A 55 14.74 17.24 -28.37
C LEU A 55 13.57 17.84 -29.14
N ARG A 56 13.41 17.47 -30.41
CA ARG A 56 12.32 17.95 -31.25
C ARG A 56 11.63 16.78 -31.95
N GLN A 57 12.35 15.64 -32.05
CA GLN A 57 11.88 14.36 -32.59
C GLN A 57 12.28 13.26 -31.59
N PRO A 58 11.55 12.12 -31.52
CA PRO A 58 12.00 11.01 -30.64
C PRO A 58 13.38 10.55 -31.07
N LEU A 59 14.21 10.02 -30.14
CA LEU A 59 15.53 9.48 -30.49
C LEU A 59 15.41 8.24 -31.41
N LEU A 60 14.48 7.32 -31.09
CA LEU A 60 14.28 6.05 -31.78
C LEU A 60 13.39 6.10 -33.00
N LYS A 61 13.72 5.28 -34.01
CA LYS A 61 13.03 5.10 -35.28
C LYS A 61 11.58 4.64 -35.09
N ARG A 62 11.37 3.65 -34.18
CA ARG A 62 10.05 3.07 -33.86
C ARG A 62 9.07 4.07 -33.21
N VAL A 63 9.60 5.10 -32.55
CA VAL A 63 8.83 6.15 -31.84
C VAL A 63 8.66 7.35 -32.78
N HIS A 64 9.64 7.56 -33.67
CA HIS A 64 9.65 8.59 -34.71
C HIS A 64 8.61 8.21 -35.78
N ALA A 65 8.45 6.90 -36.07
CA ALA A 65 7.49 6.35 -37.04
C ALA A 65 6.03 6.54 -36.63
N ASN A 66 5.77 7.03 -35.39
CA ASN A 66 4.45 7.31 -34.86
C ASN A 66 4.46 8.76 -34.38
N VAL A 67 3.78 9.62 -35.15
CA VAL A 67 3.69 11.08 -34.96
C VAL A 67 2.95 11.49 -33.67
N ASP A 68 2.07 10.62 -33.17
CA ASP A 68 1.31 10.82 -31.93
C ASP A 68 2.22 10.68 -30.67
N LEU A 69 3.32 9.91 -30.81
CA LEU A 69 4.34 9.66 -29.77
C LEU A 69 5.40 10.75 -29.65
N TRP A 70 5.51 11.66 -30.67
CA TRP A 70 6.52 12.72 -30.73
C TRP A 70 6.37 13.70 -29.61
N ASP A 71 5.14 14.10 -29.31
CA ASP A 71 4.89 15.07 -28.24
C ASP A 71 5.24 14.53 -26.87
N ILE A 72 4.94 13.23 -26.64
CA ILE A 72 5.21 12.54 -25.37
C ILE A 72 6.72 12.41 -25.18
N ALA A 73 7.44 11.92 -26.23
CA ALA A 73 8.90 11.79 -26.26
C ALA A 73 9.60 13.07 -25.83
N CYS A 74 9.21 14.23 -26.42
CA CYS A 74 9.78 15.56 -26.15
C CYS A 74 9.49 16.08 -24.75
N GLN A 75 8.26 15.83 -24.23
CA GLN A 75 7.84 16.20 -22.88
C GLN A 75 8.59 15.38 -21.84
N ILE A 76 8.95 14.10 -22.19
CA ILE A 76 9.75 13.21 -21.33
C ILE A 76 11.16 13.77 -21.16
N PHE A 77 11.79 14.15 -22.29
CA PHE A 77 13.13 14.73 -22.31
C PHE A 77 13.23 16.00 -21.50
N VAL A 78 12.23 16.88 -21.55
CA VAL A 78 12.21 18.15 -20.78
C VAL A 78 12.15 17.87 -19.30
N ALA A 79 11.27 16.93 -18.88
CA ALA A 79 11.12 16.52 -17.47
C ALA A 79 12.42 15.85 -17.03
N ILE A 80 13.12 15.14 -17.97
CA ILE A 80 14.45 14.55 -17.73
C ILE A 80 15.44 15.67 -17.40
N LEU A 81 15.51 16.74 -18.26
CA LEU A 81 16.37 17.94 -18.14
C LEU A 81 16.12 18.69 -16.86
N ARG A 82 14.84 18.96 -16.57
CA ARG A 82 14.40 19.64 -15.36
C ARG A 82 14.84 18.87 -14.14
N TYR A 83 14.60 17.54 -14.12
CA TYR A 83 14.99 16.63 -13.03
C TYR A 83 16.50 16.68 -12.76
N MET A 84 17.31 16.54 -13.83
CA MET A 84 18.78 16.53 -13.75
C MET A 84 19.44 17.93 -13.47
N GLY A 85 18.62 18.99 -13.51
CA GLY A 85 19.05 20.37 -13.27
C GLY A 85 19.81 20.99 -14.44
N ASP A 86 19.43 20.63 -15.69
CA ASP A 86 20.01 21.11 -16.95
C ASP A 86 18.97 21.91 -17.76
N TYR A 87 17.99 22.51 -17.07
CA TYR A 87 16.92 23.27 -17.70
C TYR A 87 16.75 24.64 -16.98
N PRO A 88 16.38 25.76 -17.67
CA PRO A 88 16.16 27.03 -16.93
C PRO A 88 14.85 26.95 -16.10
N SER A 89 14.97 26.35 -14.89
CA SER A 89 13.84 26.10 -14.01
C SER A 89 13.74 27.09 -12.85
N ARG A 90 13.09 28.24 -13.16
CA ARG A 90 12.78 29.32 -12.23
C ARG A 90 11.64 28.81 -11.36
N GLN A 91 10.67 28.14 -12.03
CA GLN A 91 9.50 27.48 -11.48
C GLN A 91 9.99 26.11 -10.94
N ALA A 92 10.19 26.02 -9.62
CA ALA A 92 10.70 24.80 -9.01
C ALA A 92 9.63 23.69 -8.91
N TRP A 93 9.53 22.87 -9.99
CA TRP A 93 8.58 21.76 -10.13
C TRP A 93 8.79 20.70 -9.03
N PRO A 94 7.70 20.19 -8.38
CA PRO A 94 7.90 19.11 -7.41
C PRO A 94 8.40 17.87 -8.17
N THR A 95 9.40 17.19 -7.60
CA THR A 95 10.08 16.04 -8.17
C THR A 95 9.10 14.92 -8.64
N LEU A 96 7.95 14.75 -7.96
CA LEU A 96 6.96 13.73 -8.35
C LEU A 96 6.24 14.07 -9.65
N GLU A 97 6.00 15.36 -9.92
CA GLU A 97 5.39 15.82 -11.18
C GLU A 97 6.34 15.57 -12.36
N LEU A 98 7.66 15.62 -12.10
CA LEU A 98 8.74 15.36 -13.06
C LEU A 98 8.81 13.85 -13.38
N THR A 99 8.89 13.03 -12.33
CA THR A 99 8.99 11.58 -12.37
C THR A 99 7.68 10.97 -12.94
N ASP A 100 6.50 11.57 -12.66
CA ASP A 100 5.24 11.08 -13.25
C ASP A 100 5.26 11.38 -14.75
N GLN A 101 5.78 12.56 -15.14
CA GLN A 101 5.85 12.95 -16.53
C GLN A 101 6.88 12.11 -17.29
N ILE A 102 7.95 11.66 -16.61
CA ILE A 102 8.96 10.80 -17.24
C ILE A 102 8.46 9.35 -17.48
N PHE A 103 7.74 8.74 -16.50
CA PHE A 103 7.42 7.33 -16.57
C PHE A 103 5.98 6.92 -16.77
N THR A 104 4.99 7.77 -16.44
CA THR A 104 3.58 7.35 -16.52
C THR A 104 3.17 6.75 -17.86
N LEU A 105 3.27 7.50 -18.96
CA LEU A 105 2.83 7.02 -20.27
C LEU A 105 3.66 5.88 -20.85
N ALA A 106 4.94 5.70 -20.43
CA ALA A 106 5.80 4.58 -20.85
C ALA A 106 5.23 3.26 -20.32
N LEU A 107 4.58 3.27 -19.14
CA LEU A 107 3.92 2.09 -18.55
C LEU A 107 2.70 1.71 -19.41
N GLN A 108 2.02 2.73 -19.99
CA GLN A 108 0.85 2.58 -20.84
C GLN A 108 1.23 2.17 -22.27
N HIS A 109 2.27 2.79 -22.86
CA HIS A 109 2.74 2.52 -24.22
C HIS A 109 4.17 1.93 -24.21
N PRO A 110 4.28 0.56 -24.23
CA PRO A 110 5.61 -0.10 -24.19
C PRO A 110 6.61 0.24 -25.30
N ALA A 111 6.20 1.08 -26.27
CA ALA A 111 7.05 1.57 -27.35
C ALA A 111 7.99 2.62 -26.73
N LEU A 112 7.43 3.45 -25.81
CA LEU A 112 8.12 4.51 -25.08
C LEU A 112 9.12 4.00 -24.04
N GLN A 113 9.06 2.71 -23.69
CA GLN A 113 9.92 2.10 -22.68
C GLN A 113 11.41 2.14 -23.05
N ASP A 114 11.74 1.86 -24.32
CA ASP A 114 13.12 1.96 -24.81
C ASP A 114 13.57 3.38 -24.98
N GLU A 115 12.64 4.25 -25.39
CA GLU A 115 12.82 5.70 -25.59
C GLU A 115 13.28 6.37 -24.27
N VAL A 116 12.58 6.08 -23.14
CA VAL A 116 12.94 6.54 -21.79
C VAL A 116 14.38 6.12 -21.46
N TYR A 117 14.73 4.80 -21.62
CA TYR A 117 16.07 4.23 -21.37
C TYR A 117 17.12 4.96 -22.17
N CYS A 118 16.94 5.05 -23.50
CA CYS A 118 17.83 5.76 -24.44
C CYS A 118 18.08 7.22 -24.07
N GLN A 119 17.02 7.95 -23.61
CA GLN A 119 17.14 9.36 -23.23
C GLN A 119 17.93 9.55 -21.96
N ILE A 120 17.81 8.61 -21.02
CA ILE A 120 18.56 8.64 -19.78
C ILE A 120 20.00 8.27 -20.08
N LEU A 121 20.22 7.21 -20.86
CA LEU A 121 21.59 6.80 -21.18
C LEU A 121 22.31 7.82 -22.01
N LYS A 122 21.60 8.51 -22.92
CA LYS A 122 22.12 9.64 -23.72
C LYS A 122 22.64 10.73 -22.80
N GLN A 123 21.84 11.09 -21.81
CA GLN A 123 22.14 12.13 -20.83
C GLN A 123 23.23 11.75 -19.85
N LEU A 124 23.54 10.46 -19.73
CA LEU A 124 24.62 9.95 -18.87
C LEU A 124 25.89 9.76 -19.67
N THR A 125 25.85 9.97 -21.00
CA THR A 125 26.99 9.85 -21.92
C THR A 125 27.63 11.23 -22.20
N HIS A 126 28.93 11.40 -21.92
CA HIS A 126 29.77 12.59 -22.12
C HIS A 126 29.27 13.81 -21.32
N ASN A 127 28.62 13.53 -20.17
CA ASN A 127 28.10 14.52 -19.25
C ASN A 127 29.23 14.96 -18.34
N SER A 128 29.66 16.23 -18.46
CA SER A 128 30.74 16.85 -17.66
C SER A 128 30.23 17.40 -16.36
N ASN A 129 28.90 17.45 -16.17
CA ASN A 129 28.34 17.95 -14.94
C ASN A 129 28.08 16.81 -13.93
N ARG A 130 28.80 16.85 -12.80
CA ARG A 130 28.73 15.88 -11.70
C ARG A 130 27.37 15.85 -11.02
N HIS A 131 26.63 16.99 -11.03
CA HIS A 131 25.31 17.07 -10.38
C HIS A 131 24.29 16.33 -11.25
N SER A 132 24.28 16.66 -12.53
CA SER A 132 23.44 16.12 -13.60
C SER A 132 23.66 14.61 -13.77
N GLU A 133 24.93 14.15 -13.67
CA GLU A 133 25.25 12.73 -13.82
C GLU A 133 24.68 11.94 -12.64
N GLU A 134 24.85 12.48 -11.43
CA GLU A 134 24.35 11.89 -10.19
C GLU A 134 22.83 11.69 -10.30
N ARG A 135 22.11 12.70 -10.78
CA ARG A 135 20.68 12.75 -10.99
C ARG A 135 20.23 11.82 -12.11
N GLY A 136 21.02 11.72 -13.16
CA GLY A 136 20.75 10.80 -14.27
C GLY A 136 20.73 9.34 -13.84
N TRP A 137 21.66 8.95 -12.93
CA TRP A 137 21.77 7.61 -12.36
C TRP A 137 20.60 7.29 -11.48
N GLN A 138 20.05 8.31 -10.82
CA GLN A 138 18.85 8.25 -9.98
C GLN A 138 17.60 7.95 -10.81
N LEU A 139 17.51 8.49 -12.03
CA LEU A 139 16.38 8.18 -12.92
C LEU A 139 16.45 6.77 -13.47
N LEU A 140 17.65 6.33 -13.86
CA LEU A 140 17.95 4.99 -14.36
C LEU A 140 17.63 3.98 -13.27
N TRP A 141 17.98 4.32 -12.04
CA TRP A 141 17.68 3.50 -10.87
C TRP A 141 16.17 3.37 -10.69
N LEU A 142 15.42 4.44 -10.89
CA LEU A 142 13.95 4.43 -10.80
C LEU A 142 13.30 3.57 -11.90
N CYS A 143 13.79 3.75 -13.15
CA CYS A 143 13.46 3.08 -14.41
C CYS A 143 13.60 1.56 -14.31
N THR A 144 14.77 1.05 -13.81
CA THR A 144 15.10 -0.39 -13.69
C THR A 144 14.18 -1.14 -12.71
N GLY A 145 13.45 -0.39 -11.89
CA GLY A 145 12.48 -0.95 -10.96
C GLY A 145 11.07 -0.96 -11.56
N LEU A 146 10.91 -0.41 -12.78
CA LEU A 146 9.57 -0.32 -13.39
C LEU A 146 9.39 -1.22 -14.59
N PHE A 147 10.31 -1.15 -15.54
CA PHE A 147 10.25 -1.94 -16.75
C PHE A 147 11.66 -2.19 -17.25
N PRO A 148 11.87 -3.30 -17.98
CA PRO A 148 13.23 -3.58 -18.47
C PRO A 148 13.41 -3.01 -19.89
N PRO A 149 14.64 -2.91 -20.43
CA PRO A 149 14.75 -2.53 -21.85
C PRO A 149 14.30 -3.71 -22.72
N SER A 150 14.05 -3.49 -24.02
CA SER A 150 13.68 -4.57 -24.96
C SER A 150 14.85 -5.53 -25.22
N LYS A 151 14.60 -6.60 -26.01
CA LYS A 151 15.59 -7.62 -26.40
C LYS A 151 16.78 -7.00 -27.11
N GLY A 152 16.52 -6.05 -28.01
CA GLY A 152 17.55 -5.34 -28.77
C GLY A 152 18.33 -4.31 -27.97
N LEU A 153 17.66 -3.68 -26.98
CA LEU A 153 18.28 -2.64 -26.15
C LEU A 153 19.03 -3.21 -24.95
N LEU A 154 18.45 -4.21 -24.26
CA LEU A 154 19.02 -4.86 -23.07
C LEU A 154 20.56 -5.11 -23.13
N PRO A 155 21.15 -5.91 -24.08
CA PRO A 155 22.62 -6.06 -24.10
C PRO A 155 23.45 -4.75 -24.02
N HIS A 156 22.97 -3.66 -24.69
CA HIS A 156 23.60 -2.33 -24.69
C HIS A 156 23.44 -1.61 -23.32
N ALA A 157 22.23 -1.66 -22.76
CA ALA A 157 21.92 -1.09 -21.45
C ALA A 157 22.74 -1.80 -20.35
N GLN A 158 22.86 -3.15 -20.42
CA GLN A 158 23.67 -3.96 -19.47
C GLN A 158 25.16 -3.58 -19.56
N LYS A 159 25.70 -3.40 -20.79
CA LYS A 159 27.08 -3.04 -21.01
C LYS A 159 27.39 -1.58 -20.58
N PHE A 160 26.39 -0.69 -20.70
CA PHE A 160 26.45 0.69 -20.24
C PHE A 160 26.69 0.70 -18.71
N ILE A 161 25.92 -0.10 -17.95
CA ILE A 161 26.02 -0.27 -16.49
C ILE A 161 27.31 -0.99 -16.13
N ASP A 162 27.61 -2.13 -16.80
CA ASP A 162 28.82 -2.95 -16.57
C ASP A 162 30.14 -2.22 -16.76
N THR A 163 30.23 -1.27 -17.70
CA THR A 163 31.44 -0.48 -17.94
C THR A 163 31.53 0.72 -16.98
N ARG A 164 30.49 0.95 -16.18
CA ARG A 164 30.45 2.03 -15.19
C ARG A 164 30.09 1.49 -13.80
N ARG A 165 30.46 0.22 -13.52
CA ARG A 165 30.23 -0.50 -12.24
C ARG A 165 30.65 0.29 -11.02
N GLY A 166 31.57 1.26 -11.20
CA GLY A 166 32.13 2.16 -10.20
C GLY A 166 31.20 3.25 -9.72
N LYS A 167 30.05 3.46 -10.41
CA LYS A 167 29.03 4.44 -10.04
C LYS A 167 28.20 3.88 -8.90
N LEU A 168 27.90 4.73 -7.91
CA LEU A 168 27.21 4.35 -6.68
C LEU A 168 25.94 3.50 -6.89
N LEU A 169 25.05 3.90 -7.81
CA LEU A 169 23.77 3.22 -8.05
C LEU A 169 23.79 2.17 -9.17
N ALA A 170 24.90 2.11 -9.96
CA ALA A 170 25.10 1.18 -11.08
C ALA A 170 24.94 -0.34 -10.68
N PRO A 171 25.66 -0.92 -9.67
CA PRO A 171 25.40 -2.32 -9.30
C PRO A 171 23.93 -2.64 -9.02
N ASP A 172 23.20 -1.69 -8.42
CA ASP A 172 21.78 -1.84 -8.11
C ASP A 172 20.88 -1.79 -9.31
N CYS A 173 21.19 -0.95 -10.32
CA CYS A 173 20.45 -0.80 -11.59
C CYS A 173 20.44 -2.12 -12.35
N SER A 174 21.59 -2.80 -12.40
CA SER A 174 21.85 -4.08 -13.05
C SER A 174 21.07 -5.23 -12.40
N ARG A 175 21.10 -5.29 -11.05
CA ARG A 175 20.37 -6.20 -10.15
C ARG A 175 18.87 -6.02 -10.34
N ARG A 176 18.42 -4.76 -10.52
CA ARG A 176 17.00 -4.37 -10.69
C ARG A 176 16.41 -4.80 -12.01
N ILE A 177 17.19 -4.72 -13.10
CA ILE A 177 16.80 -5.19 -14.42
C ILE A 177 16.51 -6.70 -14.32
N GLN A 178 17.40 -7.47 -13.64
CA GLN A 178 17.21 -8.89 -13.38
C GLN A 178 15.89 -9.17 -12.68
N LYS A 179 15.54 -8.36 -11.66
CA LYS A 179 14.28 -8.47 -10.89
C LYS A 179 13.01 -8.10 -11.68
N VAL A 180 13.05 -7.05 -12.50
CA VAL A 180 11.83 -6.64 -13.22
C VAL A 180 11.55 -7.64 -14.41
N LEU A 181 12.58 -8.36 -14.89
CA LEU A 181 12.42 -9.43 -15.88
C LEU A 181 11.75 -10.67 -15.26
N ARG A 182 12.02 -10.95 -13.98
CA ARG A 182 11.46 -12.08 -13.25
C ARG A 182 10.01 -11.88 -12.88
N THR A 183 9.68 -10.71 -12.27
CA THR A 183 8.37 -10.41 -11.68
C THR A 183 7.44 -9.57 -12.55
N GLY A 184 7.96 -9.05 -13.65
CA GLY A 184 7.15 -8.27 -14.58
C GLY A 184 7.13 -6.79 -14.29
N PRO A 185 6.61 -5.96 -15.23
CA PRO A 185 6.61 -4.51 -15.00
C PRO A 185 5.60 -4.02 -13.96
N ARG A 186 5.81 -2.78 -13.49
CA ARG A 186 4.96 -2.08 -12.54
C ARG A 186 3.82 -1.39 -13.29
N LYS A 187 2.69 -1.21 -12.60
CA LYS A 187 1.51 -0.56 -13.18
C LYS A 187 1.53 0.94 -12.95
N GLN A 188 2.20 1.40 -11.88
CA GLN A 188 2.27 2.81 -11.51
C GLN A 188 3.64 3.41 -11.65
N PRO A 189 3.74 4.75 -11.86
CA PRO A 189 5.06 5.38 -11.90
C PRO A 189 5.72 5.36 -10.50
N PRO A 190 6.99 5.78 -10.29
CA PRO A 190 7.56 5.78 -8.93
C PRO A 190 6.74 6.55 -7.89
N HIS A 191 6.76 6.04 -6.67
CA HIS A 191 6.06 6.62 -5.53
C HIS A 191 6.94 7.67 -4.83
N GLN A 192 6.31 8.60 -4.09
CA GLN A 192 6.91 9.65 -3.25
C GLN A 192 8.15 9.13 -2.47
N VAL A 193 8.00 7.99 -1.77
CA VAL A 193 9.01 7.26 -1.00
C VAL A 193 10.17 6.81 -1.93
N GLU A 194 9.82 6.20 -3.08
CA GLU A 194 10.78 5.72 -4.08
C GLU A 194 11.65 6.87 -4.59
N VAL A 195 11.01 8.00 -4.89
CA VAL A 195 11.62 9.24 -5.42
C VAL A 195 12.50 9.94 -4.40
N GLU A 196 12.08 10.01 -3.12
CA GLU A 196 12.84 10.60 -2.02
C GLU A 196 14.09 9.78 -1.71
N ALA A 197 14.05 8.43 -1.86
CA ALA A 197 15.23 7.56 -1.65
C ALA A 197 16.17 7.72 -2.85
N ALA A 198 15.63 7.80 -4.05
CA ALA A 198 16.45 8.07 -5.23
C ALA A 198 17.23 9.38 -5.08
N GLU A 199 16.56 10.47 -4.69
CA GLU A 199 17.12 11.81 -4.49
C GLU A 199 18.27 11.87 -3.49
N GLN A 200 18.23 11.05 -2.43
CA GLN A 200 19.25 10.94 -1.39
C GLN A 200 20.37 9.97 -1.75
N ASN A 201 20.24 9.29 -2.93
CA ASN A 201 21.14 8.26 -3.46
C ASN A 201 21.18 7.05 -2.53
N VAL A 202 20.04 6.68 -1.98
CA VAL A 202 19.86 5.55 -1.08
C VAL A 202 19.02 4.50 -1.82
N SER A 203 19.49 3.26 -1.85
CA SER A 203 18.86 2.18 -2.57
C SER A 203 18.06 1.20 -1.68
N ARG A 204 18.01 1.45 -0.36
CA ARG A 204 17.28 0.65 0.62
C ARG A 204 16.17 1.47 1.29
N ILE A 205 14.93 0.96 1.26
CA ILE A 205 13.75 1.62 1.80
C ILE A 205 13.11 0.75 2.88
N CYS A 206 12.66 1.37 3.96
CA CYS A 206 11.90 0.75 5.06
C CYS A 206 10.60 1.54 5.15
N HIS A 207 9.46 0.84 5.25
CA HIS A 207 8.16 1.49 5.40
C HIS A 207 7.61 1.05 6.72
N LYS A 208 6.98 1.97 7.44
CA LYS A 208 6.40 1.73 8.76
C LYS A 208 5.03 1.11 8.61
N ILE A 209 4.83 0.00 9.32
CA ILE A 209 3.57 -0.74 9.35
C ILE A 209 3.11 -0.71 10.81
N TYR A 210 1.82 -0.39 11.03
CA TYR A 210 1.17 -0.34 12.34
C TYR A 210 0.36 -1.58 12.59
N PHE A 211 0.33 -2.03 13.84
CA PHE A 211 -0.35 -3.22 14.32
C PHE A 211 -1.45 -2.86 15.31
N PRO A 212 -2.53 -3.68 15.44
CA PRO A 212 -3.62 -3.34 16.36
C PRO A 212 -3.27 -3.15 17.84
N ASN A 213 -2.07 -3.63 18.26
CA ASN A 213 -1.63 -3.59 19.65
C ASN A 213 -0.84 -2.34 19.99
N ASP A 214 -1.01 -1.28 19.18
CA ASP A 214 -0.37 0.02 19.34
C ASP A 214 1.17 -0.09 19.21
N THR A 215 1.62 -0.90 18.25
CA THR A 215 3.05 -1.04 17.93
C THR A 215 3.26 -0.86 16.43
N SER A 216 4.52 -0.79 16.03
CA SER A 216 4.87 -0.64 14.65
C SER A 216 6.21 -1.31 14.37
N GLU A 217 6.45 -1.64 13.10
CA GLU A 217 7.71 -2.22 12.66
C GLU A 217 8.08 -1.54 11.37
N MET A 218 9.38 -1.49 11.10
CA MET A 218 9.92 -0.97 9.86
C MET A 218 10.14 -2.18 8.97
N LEU A 219 9.44 -2.22 7.81
CA LEU A 219 9.51 -3.35 6.86
C LEU A 219 10.25 -2.94 5.59
N GLU A 220 11.23 -3.75 5.17
CA GLU A 220 12.04 -3.46 4.01
C GLU A 220 11.25 -3.69 2.70
N VAL A 221 11.20 -2.67 1.82
CA VAL A 221 10.48 -2.73 0.56
C VAL A 221 11.36 -2.30 -0.63
N VAL A 222 11.20 -2.97 -1.79
CA VAL A 222 11.88 -2.67 -3.08
C VAL A 222 10.79 -2.39 -4.13
N ALA A 223 11.16 -1.84 -5.30
CA ALA A 223 10.19 -1.52 -6.39
C ALA A 223 9.28 -2.69 -6.80
N ASN A 224 9.82 -3.94 -6.83
CA ASN A 224 9.12 -5.16 -7.20
C ASN A 224 8.49 -5.95 -5.98
N THR A 225 8.48 -5.36 -4.77
CA THR A 225 7.83 -5.96 -3.59
C THR A 225 6.30 -6.00 -3.78
N ARG A 226 5.72 -7.16 -3.54
CA ARG A 226 4.27 -7.32 -3.63
C ARG A 226 3.66 -7.21 -2.24
N VAL A 227 2.40 -6.79 -2.16
CA VAL A 227 1.65 -6.64 -0.89
C VAL A 227 1.81 -7.92 -0.05
N ARG A 228 1.68 -9.11 -0.70
CA ARG A 228 1.83 -10.43 -0.04
C ARG A 228 3.21 -10.67 0.54
N ASP A 229 4.28 -10.17 -0.13
CA ASP A 229 5.70 -10.29 0.27
C ASP A 229 5.96 -9.57 1.59
N VAL A 230 5.27 -8.42 1.80
CA VAL A 230 5.34 -7.61 3.02
C VAL A 230 4.66 -8.37 4.19
N CYS A 231 3.58 -9.11 3.90
CA CYS A 231 2.82 -9.90 4.85
C CYS A 231 3.63 -11.10 5.33
N ASP A 232 4.38 -11.74 4.40
CA ASP A 232 5.28 -12.86 4.65
C ASP A 232 6.37 -12.40 5.59
N SER A 233 6.88 -11.17 5.35
CA SER A 233 7.91 -10.53 6.16
C SER A 233 7.37 -10.18 7.55
N ILE A 234 6.14 -9.61 7.62
CA ILE A 234 5.44 -9.28 8.89
C ILE A 234 5.21 -10.55 9.73
N ALA A 235 4.69 -11.63 9.12
CA ALA A 235 4.46 -12.93 9.76
C ALA A 235 5.75 -13.57 10.33
N THR A 236 6.90 -13.42 9.63
CA THR A 236 8.22 -13.89 10.10
C THR A 236 8.63 -13.03 11.31
N ARG A 237 8.43 -11.68 11.20
CA ARG A 237 8.79 -10.67 12.19
C ARG A 237 8.05 -10.91 13.50
N LEU A 238 6.70 -10.97 13.45
CA LEU A 238 5.83 -11.20 14.61
C LEU A 238 5.81 -12.67 15.11
N GLN A 239 6.31 -13.60 14.28
CA GLN A 239 6.37 -15.05 14.49
C GLN A 239 4.96 -15.66 14.53
N LEU A 240 4.16 -15.31 13.52
CA LEU A 240 2.82 -15.85 13.39
C LEU A 240 2.94 -17.18 12.64
N ALA A 241 2.12 -18.18 13.02
CA ALA A 241 2.08 -19.49 12.35
C ALA A 241 1.59 -19.32 10.92
N SER A 242 0.62 -18.41 10.72
CA SER A 242 0.03 -18.07 9.43
C SER A 242 -0.57 -16.67 9.44
N TRP A 243 -0.61 -16.05 8.26
CA TRP A 243 -1.23 -14.74 8.03
C TRP A 243 -2.45 -14.89 7.13
N GLU A 244 -2.88 -16.13 6.88
CA GLU A 244 -4.06 -16.40 6.08
C GLU A 244 -5.24 -15.68 6.72
N GLY A 245 -5.91 -14.86 5.90
CA GLY A 245 -7.06 -14.04 6.32
C GLY A 245 -6.67 -12.65 6.79
N CYS A 246 -5.35 -12.36 6.83
CA CYS A 246 -4.78 -11.07 7.22
C CYS A 246 -4.45 -10.28 6.01
N SER A 247 -4.63 -8.98 6.08
CA SER A 247 -4.29 -8.10 4.98
C SER A 247 -3.73 -6.75 5.47
N LEU A 248 -3.12 -5.99 4.55
CA LEU A 248 -2.58 -4.67 4.78
C LEU A 248 -3.69 -3.70 4.39
N PHE A 249 -3.81 -2.56 5.12
CA PHE A 249 -4.82 -1.52 4.89
C PHE A 249 -4.18 -0.16 4.89
N ILE A 250 -4.73 0.75 4.07
CA ILE A 250 -4.32 2.14 3.99
C ILE A 250 -5.42 2.99 4.62
N LYS A 251 -5.11 3.61 5.76
CA LYS A 251 -5.93 4.56 6.48
C LYS A 251 -5.52 5.89 5.85
N ILE A 252 -6.43 6.46 5.09
CA ILE A 252 -6.23 7.68 4.30
C ILE A 252 -7.57 8.39 4.26
N SER A 253 -7.58 9.72 4.52
CA SER A 253 -8.76 10.57 4.61
C SER A 253 -9.70 9.94 5.67
N ASP A 254 -11.02 9.81 5.35
CA ASP A 254 -12.03 9.18 6.21
C ASP A 254 -12.24 7.70 5.81
N LYS A 255 -11.25 7.12 5.10
CA LYS A 255 -11.27 5.77 4.58
C LYS A 255 -10.18 4.83 5.16
N VAL A 256 -10.51 3.52 5.26
CA VAL A 256 -9.62 2.42 5.67
C VAL A 256 -9.73 1.32 4.56
N ILE A 257 -8.92 1.46 3.51
CA ILE A 257 -8.94 0.64 2.29
C ILE A 257 -7.93 -0.49 2.30
N SER A 258 -8.43 -1.75 2.15
CA SER A 258 -7.64 -2.99 2.05
C SER A 258 -6.83 -3.04 0.75
N GLN A 259 -5.60 -3.61 0.82
CA GLN A 259 -4.65 -3.74 -0.29
C GLN A 259 -4.65 -5.15 -0.87
N LYS A 260 -4.73 -5.24 -2.23
CA LYS A 260 -4.74 -6.51 -2.96
C LYS A 260 -3.38 -7.17 -2.86
N GLU A 261 -3.36 -8.39 -2.37
CA GLU A 261 -2.21 -9.26 -2.10
C GLU A 261 -1.20 -9.46 -3.28
N GLY A 262 -1.69 -9.52 -4.51
CA GLY A 262 -0.87 -9.77 -5.69
C GLY A 262 -0.50 -8.57 -6.52
N ASP A 263 -0.78 -7.38 -5.96
CA ASP A 263 -0.47 -6.07 -6.47
C ASP A 263 0.92 -5.69 -5.90
N PHE A 264 1.72 -4.92 -6.66
CA PHE A 264 2.99 -4.42 -6.14
C PHE A 264 2.67 -3.36 -5.05
N PHE A 265 3.35 -3.42 -3.89
CA PHE A 265 3.19 -2.51 -2.75
C PHE A 265 3.13 -1.01 -3.13
N PHE A 266 4.03 -0.54 -4.01
CA PHE A 266 4.12 0.85 -4.46
C PHE A 266 3.09 1.21 -5.50
N ASP A 267 2.58 0.21 -6.24
CA ASP A 267 1.51 0.35 -7.23
C ASP A 267 0.22 0.54 -6.44
N SER A 268 -0.02 -0.39 -5.48
CA SER A 268 -1.14 -0.37 -4.53
C SER A 268 -1.23 0.96 -3.79
N LEU A 269 -0.08 1.54 -3.31
CA LEU A 269 -0.12 2.84 -2.58
C LEU A 269 -0.65 3.97 -3.44
N ARG A 270 -0.13 4.14 -4.66
CA ARG A 270 -0.50 5.17 -5.60
C ARG A 270 -1.95 5.04 -6.13
N GLU A 271 -2.39 3.80 -6.44
CA GLU A 271 -3.74 3.47 -6.91
C GLU A 271 -4.83 3.88 -5.89
N VAL A 272 -4.59 3.57 -4.60
CA VAL A 272 -5.52 3.94 -3.53
C VAL A 272 -5.59 5.46 -3.31
N SER A 273 -4.42 6.13 -3.27
CA SER A 273 -4.34 7.58 -3.13
C SER A 273 -5.01 8.32 -4.31
N ASP A 274 -4.86 7.80 -5.54
CA ASP A 274 -5.48 8.40 -6.71
C ASP A 274 -6.99 8.27 -6.65
N TRP A 275 -7.49 7.13 -6.14
CA TRP A 275 -8.91 6.86 -5.93
C TRP A 275 -9.47 7.88 -4.93
N VAL A 276 -8.88 7.92 -3.73
CA VAL A 276 -9.23 8.84 -2.66
C VAL A 276 -9.20 10.29 -3.14
N LYS A 277 -8.11 10.73 -3.78
CA LYS A 277 -7.96 12.09 -4.34
C LYS A 277 -9.14 12.50 -5.26
N LYS A 278 -9.61 11.58 -6.12
CA LYS A 278 -10.70 11.85 -7.07
C LYS A 278 -12.08 11.84 -6.44
N ASN A 279 -12.28 11.03 -5.40
CA ASN A 279 -13.56 10.90 -4.70
C ASN A 279 -13.82 12.00 -3.63
N LYS A 280 -12.84 12.88 -3.36
CA LYS A 280 -12.99 13.94 -2.35
C LYS A 280 -13.55 15.31 -2.90
N PRO A 281 -13.21 15.86 -4.11
CA PRO A 281 -13.78 17.16 -4.50
C PRO A 281 -15.25 17.08 -4.90
N PRO A 287 -3.61 19.53 -5.00
CA PRO A 287 -2.36 19.05 -5.59
C PRO A 287 -1.41 18.40 -4.59
N VAL A 288 -1.50 18.79 -3.30
CA VAL A 288 -0.65 18.30 -2.20
C VAL A 288 -0.93 16.81 -1.91
N THR A 289 0.14 16.04 -1.63
CA THR A 289 0.07 14.60 -1.30
C THR A 289 -0.68 14.34 -0.02
N LEU A 290 -1.43 13.24 -0.02
CA LEU A 290 -2.27 12.83 1.07
C LEU A 290 -1.55 11.98 2.09
N PRO A 291 -1.55 12.39 3.39
CA PRO A 291 -0.94 11.54 4.44
C PRO A 291 -1.69 10.23 4.57
N TYR A 292 -1.03 9.16 4.95
CA TYR A 292 -1.66 7.86 5.11
C TYR A 292 -0.90 7.04 6.12
N GLN A 293 -1.53 6.02 6.64
CA GLN A 293 -0.90 5.05 7.52
C GLN A 293 -1.14 3.67 6.94
N VAL A 294 -0.16 2.78 7.07
CA VAL A 294 -0.32 1.41 6.61
C VAL A 294 -0.48 0.51 7.83
N TYR A 295 -1.62 -0.19 7.91
CA TYR A 295 -1.95 -1.12 9.00
C TYR A 295 -1.97 -2.57 8.53
N PHE A 296 -1.55 -3.50 9.38
CA PHE A 296 -1.63 -4.94 9.15
C PHE A 296 -2.62 -5.42 10.20
N MET A 297 -3.71 -6.08 9.74
CA MET A 297 -4.80 -6.57 10.57
C MET A 297 -5.43 -7.80 9.94
N ARG A 298 -6.26 -8.51 10.74
CA ARG A 298 -7.05 -9.65 10.26
C ARG A 298 -8.27 -9.06 9.55
N LYS A 299 -8.61 -9.60 8.37
CA LYS A 299 -9.74 -9.12 7.58
C LYS A 299 -10.92 -10.09 7.69
N LEU A 300 -10.63 -11.37 7.40
CA LEU A 300 -11.58 -12.47 7.38
C LEU A 300 -11.29 -13.36 8.57
N TRP A 301 -12.32 -13.47 9.43
CA TRP A 301 -12.29 -14.25 10.66
C TRP A 301 -12.98 -15.61 10.42
N LEU A 302 -12.25 -16.50 9.70
CA LEU A 302 -12.69 -17.85 9.33
C LEU A 302 -11.71 -18.86 9.92
N ASN A 303 -12.24 -19.84 10.69
CA ASN A 303 -11.49 -20.93 11.35
C ASN A 303 -10.45 -20.41 12.37
N ILE A 304 -10.86 -19.42 13.21
CA ILE A 304 -10.02 -18.83 14.25
C ILE A 304 -10.17 -19.61 15.57
N SER A 305 -9.07 -20.21 16.06
CA SER A 305 -9.06 -21.00 17.28
C SER A 305 -8.07 -20.46 18.33
N PRO A 306 -8.57 -19.63 19.28
CA PRO A 306 -7.67 -19.08 20.33
C PRO A 306 -6.84 -20.12 21.07
N GLY A 307 -5.53 -19.90 21.07
CA GLY A 307 -4.55 -20.79 21.66
C GLY A 307 -3.66 -21.43 20.61
N LYS A 308 -4.21 -21.71 19.40
CA LYS A 308 -3.49 -22.34 18.27
C LYS A 308 -2.30 -21.47 17.79
N ASP A 309 -2.50 -20.14 17.68
CA ASP A 309 -1.47 -19.16 17.34
C ASP A 309 -1.53 -18.05 18.39
N VAL A 310 -0.77 -18.19 19.48
CA VAL A 310 -0.76 -17.25 20.62
C VAL A 310 -0.27 -15.86 20.20
N ASN A 311 0.79 -15.78 19.37
CA ASN A 311 1.35 -14.53 18.85
C ASN A 311 0.32 -13.71 18.11
N ALA A 312 -0.42 -14.30 17.16
CA ALA A 312 -1.54 -13.66 16.48
C ALA A 312 -2.64 -13.26 17.46
N ASP A 313 -2.93 -14.09 18.47
CA ASP A 313 -3.96 -13.83 19.49
C ASP A 313 -3.70 -12.57 20.32
N THR A 314 -2.45 -12.42 20.81
CA THR A 314 -2.02 -11.34 21.70
C THR A 314 -1.66 -10.05 20.96
N ILE A 315 -1.18 -10.15 19.70
CA ILE A 315 -0.80 -8.99 18.88
C ILE A 315 -2.01 -8.48 18.07
N LEU A 316 -2.74 -9.40 17.41
CA LEU A 316 -3.83 -9.03 16.50
C LEU A 316 -5.25 -9.16 17.06
N HIS A 317 -5.71 -10.41 17.24
CA HIS A 317 -7.06 -10.81 17.66
C HIS A 317 -7.57 -10.11 18.89
N TYR A 318 -6.76 -10.02 19.96
CA TYR A 318 -7.23 -9.38 21.19
C TYR A 318 -7.52 -7.91 21.03
N HIS A 319 -6.59 -7.21 20.42
CA HIS A 319 -6.66 -5.76 20.24
C HIS A 319 -7.63 -5.36 19.14
N GLN A 320 -8.13 -6.36 18.38
CA GLN A 320 -9.11 -6.18 17.33
C GLN A 320 -10.50 -6.41 17.91
N GLU A 321 -10.66 -7.46 18.69
CA GLU A 321 -11.90 -7.80 19.36
C GLU A 321 -12.23 -6.89 20.54
N LEU A 322 -11.20 -6.49 21.31
CA LEU A 322 -11.37 -5.60 22.46
C LEU A 322 -12.18 -4.31 22.17
N PRO A 323 -11.82 -3.39 21.24
CA PRO A 323 -12.62 -2.18 21.05
C PRO A 323 -14.07 -2.39 20.55
N LYS A 324 -14.34 -3.54 19.87
CA LYS A 324 -15.67 -3.92 19.36
C LYS A 324 -16.60 -4.28 20.53
N TYR A 325 -16.07 -5.10 21.45
CA TYR A 325 -16.72 -5.58 22.65
C TYR A 325 -17.10 -4.40 23.51
N LEU A 326 -16.17 -3.43 23.66
CA LEU A 326 -16.32 -2.19 24.42
C LEU A 326 -17.34 -1.22 23.84
N ARG A 327 -17.60 -1.28 22.53
CA ARG A 327 -18.62 -0.45 21.89
C ARG A 327 -20.01 -1.03 22.17
N GLY A 328 -20.01 -2.20 22.80
CA GLY A 328 -21.21 -2.95 23.15
C GLY A 328 -21.93 -3.45 21.92
N PHE A 329 -21.23 -4.17 21.03
CA PHE A 329 -21.81 -4.68 19.78
C PHE A 329 -22.36 -6.08 19.98
N HIS A 330 -21.88 -6.74 21.05
CA HIS A 330 -22.29 -8.09 21.38
C HIS A 330 -23.45 -8.08 22.36
N LYS A 331 -24.16 -9.22 22.42
CA LYS A 331 -25.24 -9.45 23.37
C LYS A 331 -24.57 -10.21 24.52
N CYS A 332 -24.36 -9.50 25.64
CA CYS A 332 -23.73 -10.09 26.81
C CYS A 332 -24.29 -9.52 28.14
N SER A 333 -24.25 -10.34 29.20
CA SER A 333 -24.79 -10.02 30.52
C SER A 333 -23.84 -9.21 31.41
N ARG A 334 -24.33 -8.86 32.60
CA ARG A 334 -23.61 -8.13 33.65
C ARG A 334 -22.53 -9.05 34.22
N GLU A 335 -22.82 -10.37 34.25
CA GLU A 335 -21.92 -11.43 34.73
C GLU A 335 -20.79 -11.68 33.76
N ASP A 336 -21.08 -11.66 32.45
CA ASP A 336 -20.07 -11.81 31.39
C ASP A 336 -19.18 -10.55 31.39
N ALA A 337 -19.77 -9.35 31.63
CA ALA A 337 -19.06 -8.07 31.69
C ALA A 337 -18.08 -8.00 32.84
N ILE A 338 -18.41 -8.63 34.01
CA ILE A 338 -17.57 -8.68 35.20
C ILE A 338 -16.42 -9.68 34.97
N HIS A 339 -16.73 -10.86 34.43
CA HIS A 339 -15.76 -11.90 34.11
C HIS A 339 -14.75 -11.39 33.04
N LEU A 340 -15.24 -10.71 31.98
CA LEU A 340 -14.38 -10.18 30.92
C LEU A 340 -13.58 -8.93 31.32
N ALA A 341 -14.14 -8.05 32.19
CA ALA A 341 -13.47 -6.84 32.67
C ALA A 341 -12.26 -7.13 33.56
N GLY A 342 -12.24 -8.31 34.17
CA GLY A 342 -11.15 -8.77 35.02
C GLY A 342 -9.99 -9.27 34.18
N LEU A 343 -10.32 -9.88 33.03
CA LEU A 343 -9.35 -10.35 32.03
C LEU A 343 -8.73 -9.15 31.29
N ILE A 344 -9.57 -8.18 30.87
CA ILE A 344 -9.19 -6.93 30.20
C ILE A 344 -8.26 -6.11 31.14
N TYR A 345 -8.57 -6.07 32.46
CA TYR A 345 -7.76 -5.37 33.46
C TYR A 345 -6.36 -5.99 33.57
N LYS A 346 -6.29 -7.35 33.63
CA LYS A 346 -5.06 -8.14 33.75
C LYS A 346 -4.15 -8.01 32.50
N ALA A 347 -4.75 -7.96 31.29
CA ALA A 347 -4.02 -7.82 30.03
C ALA A 347 -3.30 -6.45 29.94
N GLN A 348 -3.92 -5.41 30.54
CA GLN A 348 -3.41 -4.03 30.51
C GLN A 348 -2.56 -3.64 31.71
N PHE A 349 -2.94 -4.02 32.93
CA PHE A 349 -2.23 -3.59 34.15
C PHE A 349 -1.33 -4.66 34.79
N ASN A 350 -1.55 -5.96 34.44
CA ASN A 350 -0.81 -7.12 34.93
C ASN A 350 -0.95 -7.28 36.47
N ASN A 351 0.01 -6.73 37.26
CA ASN A 351 0.00 -6.84 38.73
C ASN A 351 -0.41 -5.56 39.46
N ASP A 352 -0.40 -4.40 38.76
CA ASP A 352 -0.82 -3.11 39.34
C ASP A 352 -2.34 -3.13 39.57
N ARG A 353 -2.70 -3.30 40.85
CA ARG A 353 -4.07 -3.40 41.34
C ARG A 353 -4.67 -2.04 41.66
N SER A 354 -3.81 -1.02 41.90
CA SER A 354 -4.19 0.33 42.32
C SER A 354 -4.75 1.24 41.21
N GLN A 355 -4.51 0.91 39.92
CA GLN A 355 -4.97 1.73 38.78
C GLN A 355 -6.51 1.77 38.63
N LEU A 356 -7.23 0.74 39.13
CA LEU A 356 -8.69 0.69 39.10
C LEU A 356 -9.34 1.81 39.92
N ALA A 357 -8.69 2.26 41.00
CA ALA A 357 -9.16 3.39 41.82
C ALA A 357 -8.59 4.72 41.31
N SER A 358 -7.26 4.73 41.05
CA SER A 358 -6.44 5.87 40.60
C SER A 358 -6.90 6.52 39.29
N VAL A 359 -6.99 5.73 38.19
CA VAL A 359 -7.34 6.20 36.85
C VAL A 359 -8.81 6.62 36.73
N PRO A 360 -9.09 7.90 36.34
CA PRO A 360 -10.50 8.30 36.14
C PRO A 360 -11.01 7.84 34.77
N LYS A 361 -12.32 7.55 34.68
CA LYS A 361 -12.99 7.06 33.47
C LYS A 361 -12.42 5.70 32.97
N ILE A 362 -11.77 4.92 33.89
CA ILE A 362 -11.17 3.60 33.63
C ILE A 362 -12.24 2.58 33.20
N LEU A 363 -13.45 2.68 33.79
CA LEU A 363 -14.59 1.81 33.49
C LEU A 363 -14.91 1.76 31.99
N ARG A 364 -14.65 2.87 31.26
CA ARG A 364 -14.81 2.97 29.80
C ARG A 364 -13.91 1.96 29.06
N GLU A 365 -12.68 1.72 29.60
CA GLU A 365 -11.69 0.80 29.04
C GLU A 365 -11.96 -0.67 29.38
N LEU A 366 -12.87 -0.93 30.34
CA LEU A 366 -13.14 -2.29 30.84
C LEU A 366 -14.53 -2.84 30.60
N VAL A 367 -15.53 -1.96 30.39
CA VAL A 367 -16.93 -2.40 30.28
C VAL A 367 -17.60 -1.90 29.01
N PRO A 368 -18.48 -2.72 28.33
CA PRO A 368 -19.19 -2.23 27.14
C PRO A 368 -20.02 -0.98 27.46
N GLU A 369 -19.98 0.04 26.59
CA GLU A 369 -20.65 1.34 26.81
C GLU A 369 -22.17 1.25 27.07
N ASN A 370 -22.83 0.18 26.57
CA ASN A 370 -24.26 -0.07 26.77
C ASN A 370 -24.61 -0.61 28.19
N LEU A 371 -23.72 -1.47 28.76
CA LEU A 371 -23.88 -2.14 30.05
C LEU A 371 -23.38 -1.32 31.25
N THR A 372 -22.70 -0.18 31.03
CA THR A 372 -22.13 0.70 32.07
C THR A 372 -23.13 1.08 33.21
N ARG A 373 -24.38 1.42 32.85
CA ARG A 373 -25.47 1.87 33.75
C ARG A 373 -26.04 0.78 34.70
N LEU A 374 -25.61 -0.50 34.55
CA LEU A 374 -26.13 -1.64 35.32
C LEU A 374 -25.75 -1.62 36.82
N MET A 375 -24.54 -1.14 37.13
CA MET A 375 -24.04 -1.01 38.49
C MET A 375 -23.47 0.40 38.64
N SER A 376 -23.19 0.82 39.89
CA SER A 376 -22.55 2.12 40.17
C SER A 376 -21.04 1.96 40.02
N SER A 377 -20.29 3.09 39.98
CA SER A 377 -18.82 3.10 39.83
C SER A 377 -18.10 2.18 40.84
N GLU A 378 -18.41 2.32 42.15
CA GLU A 378 -17.80 1.52 43.22
C GLU A 378 -18.18 0.05 43.15
N GLU A 379 -19.35 -0.26 42.59
CA GLU A 379 -19.84 -1.63 42.41
C GLU A 379 -19.05 -2.39 41.34
N TRP A 380 -18.86 -1.77 40.14
CA TRP A 380 -18.06 -2.34 39.04
C TRP A 380 -16.64 -2.57 39.55
N LYS A 381 -16.03 -1.54 40.19
CA LYS A 381 -14.71 -1.57 40.81
C LYS A 381 -14.54 -2.76 41.78
N LYS A 382 -15.55 -3.02 42.64
CA LYS A 382 -15.58 -4.11 43.62
C LYS A 382 -15.66 -5.50 42.96
N SER A 383 -16.56 -5.68 41.97
CA SER A 383 -16.77 -6.94 41.21
C SER A 383 -15.58 -7.27 40.29
N ILE A 384 -15.00 -6.24 39.64
CA ILE A 384 -13.85 -6.38 38.74
C ILE A 384 -12.61 -6.85 39.55
N LEU A 385 -12.29 -6.19 40.69
CA LEU A 385 -11.15 -6.60 41.54
C LEU A 385 -11.20 -8.08 41.92
N LEU A 386 -12.39 -8.58 42.29
CA LEU A 386 -12.62 -9.99 42.64
C LEU A 386 -12.40 -10.98 41.47
N ALA A 387 -12.81 -10.57 40.25
CA ALA A 387 -12.66 -11.34 39.00
C ALA A 387 -11.17 -11.37 38.59
N TYR A 388 -10.49 -10.22 38.77
CA TYR A 388 -9.08 -10.00 38.47
C TYR A 388 -8.15 -10.80 39.37
N ASP A 389 -8.46 -10.87 40.67
CA ASP A 389 -7.67 -11.59 41.68
C ASP A 389 -7.53 -13.08 41.35
N LYS A 390 -8.47 -13.59 40.52
CA LYS A 390 -8.51 -14.96 40.01
C LYS A 390 -7.48 -15.21 38.88
N HIS A 391 -6.77 -14.14 38.42
CA HIS A 391 -5.75 -14.19 37.35
C HIS A 391 -4.35 -13.82 37.84
N LYS A 392 -4.05 -14.04 39.13
CA LYS A 392 -2.73 -13.73 39.67
C LYS A 392 -1.63 -14.63 39.09
N ASP A 393 -1.97 -15.91 38.86
CA ASP A 393 -1.05 -16.92 38.33
C ASP A 393 -1.09 -17.07 36.79
N LYS A 394 -1.74 -16.10 36.11
CA LYS A 394 -1.80 -16.03 34.65
C LYS A 394 -0.85 -14.93 34.19
N THR A 395 -0.42 -14.99 32.92
CA THR A 395 0.39 -13.97 32.27
C THR A 395 -0.60 -13.06 31.54
N VAL A 396 -0.13 -11.87 31.09
CA VAL A 396 -0.90 -10.93 30.29
C VAL A 396 -1.40 -11.67 29.03
N GLU A 397 -0.55 -12.56 28.47
CA GLU A 397 -0.79 -13.35 27.26
C GLU A 397 -1.86 -14.39 27.45
N GLU A 398 -1.85 -15.10 28.61
CA GLU A 398 -2.83 -16.11 29.01
C GLU A 398 -4.22 -15.46 29.13
N ALA A 399 -4.28 -14.28 29.79
CA ALA A 399 -5.47 -13.44 29.97
C ALA A 399 -6.11 -13.07 28.63
N LYS A 400 -5.28 -12.64 27.64
CA LYS A 400 -5.72 -12.27 26.28
C LYS A 400 -6.31 -13.47 25.52
N VAL A 401 -5.70 -14.65 25.67
CA VAL A 401 -6.17 -15.91 25.05
C VAL A 401 -7.46 -16.41 25.76
N ALA A 402 -7.56 -16.26 27.09
CA ALA A 402 -8.76 -16.62 27.86
C ALA A 402 -9.93 -15.72 27.44
N PHE A 403 -9.68 -14.38 27.31
CA PHE A 403 -10.69 -13.43 26.84
C PHE A 403 -11.29 -13.90 25.51
N LEU A 404 -10.43 -14.34 24.57
CA LEU A 404 -10.80 -14.80 23.24
C LEU A 404 -11.54 -16.11 23.26
N LYS A 405 -11.04 -17.13 23.99
CA LYS A 405 -11.68 -18.47 24.15
C LYS A 405 -13.16 -18.39 24.62
N TRP A 406 -13.45 -17.44 25.52
CA TRP A 406 -14.78 -17.16 26.11
C TRP A 406 -15.77 -16.50 25.11
N ILE A 407 -15.28 -15.74 24.11
CA ILE A 407 -16.12 -15.01 23.16
C ILE A 407 -16.07 -15.56 21.71
N CYS A 408 -15.10 -16.44 21.39
CA CYS A 408 -14.86 -16.95 20.02
C CYS A 408 -16.03 -17.71 19.40
N ARG A 409 -16.92 -18.29 20.22
CA ARG A 409 -18.08 -19.04 19.71
C ARG A 409 -19.33 -18.15 19.57
N TRP A 410 -19.21 -16.85 19.95
CA TRP A 410 -20.29 -15.86 19.85
C TRP A 410 -20.63 -15.61 18.38
N PRO A 411 -21.92 -15.55 18.01
CA PRO A 411 -22.27 -15.38 16.58
C PRO A 411 -21.71 -14.13 15.90
N THR A 412 -21.46 -13.09 16.72
CA THR A 412 -20.97 -11.77 16.34
C THR A 412 -19.47 -11.61 16.57
N PHE A 413 -18.79 -12.68 17.03
CA PHE A 413 -17.34 -12.66 17.23
C PHE A 413 -16.69 -12.60 15.86
N GLY A 414 -15.57 -11.85 15.77
CA GLY A 414 -14.80 -11.67 14.55
C GLY A 414 -15.61 -11.10 13.40
N SER A 415 -16.30 -9.96 13.65
CA SER A 415 -17.15 -9.30 12.65
C SER A 415 -16.74 -7.86 12.42
N ALA A 416 -17.28 -7.25 11.35
CA ALA A 416 -17.11 -5.84 11.03
C ALA A 416 -18.50 -5.24 11.20
N PHE A 417 -18.59 -4.17 12.00
CA PHE A 417 -19.86 -3.55 12.35
C PHE A 417 -20.11 -2.22 11.67
N PHE A 418 -21.35 -2.04 11.18
CA PHE A 418 -21.79 -0.85 10.46
C PHE A 418 -23.17 -0.37 10.97
N GLU A 419 -23.23 0.85 11.52
CA GLU A 419 -24.46 1.46 12.02
C GLU A 419 -25.08 2.25 10.89
N VAL A 420 -25.93 1.58 10.11
CA VAL A 420 -26.58 2.11 8.92
C VAL A 420 -28.03 2.61 9.20
N LYS A 421 -28.62 3.30 8.22
CA LYS A 421 -30.00 3.77 8.29
C LYS A 421 -30.74 3.00 7.20
N GLN A 422 -31.63 2.07 7.62
CA GLN A 422 -32.39 1.22 6.68
C GLN A 422 -33.79 1.75 6.38
N THR A 423 -34.22 1.58 5.12
CA THR A 423 -35.53 2.01 4.64
C THR A 423 -36.27 0.82 3.99
N SER A 424 -35.59 -0.34 3.85
CA SER A 424 -36.11 -1.57 3.25
C SER A 424 -37.29 -2.22 4.01
N GLU A 425 -37.06 -2.86 5.17
CA GLU A 425 -38.12 -3.49 5.95
C GLU A 425 -38.63 -2.61 7.09
N PRO A 426 -39.93 -2.22 7.09
CA PRO A 426 -40.46 -1.39 8.20
C PRO A 426 -40.63 -2.20 9.48
N SER A 427 -40.46 -3.55 9.38
CA SER A 427 -40.51 -4.53 10.45
C SER A 427 -39.37 -4.26 11.47
N TYR A 428 -38.17 -3.89 10.96
CA TYR A 428 -36.95 -3.58 11.73
C TYR A 428 -36.89 -2.07 12.07
N PRO A 429 -36.10 -1.64 13.10
CA PRO A 429 -36.02 -0.19 13.39
C PRO A 429 -35.29 0.62 12.31
N ASP A 430 -35.48 1.96 12.32
CA ASP A 430 -34.88 2.88 11.35
C ASP A 430 -33.36 2.75 11.30
N VAL A 431 -32.67 2.99 12.43
CA VAL A 431 -31.22 2.83 12.54
C VAL A 431 -30.98 1.38 12.97
N ILE A 432 -30.15 0.65 12.21
CA ILE A 432 -29.84 -0.77 12.45
C ILE A 432 -28.30 -1.01 12.50
N LEU A 433 -27.87 -2.14 13.09
CA LEU A 433 -26.46 -2.54 13.17
C LEU A 433 -26.21 -3.78 12.31
N ILE A 434 -25.30 -3.66 11.32
CA ILE A 434 -24.95 -4.75 10.41
C ILE A 434 -23.60 -5.32 10.85
N ALA A 435 -23.43 -6.65 10.73
CA ALA A 435 -22.23 -7.40 11.05
C ALA A 435 -21.87 -8.39 9.95
N ILE A 436 -20.66 -8.29 9.40
CA ILE A 436 -20.20 -9.23 8.36
C ILE A 436 -19.15 -10.13 8.99
N ASN A 437 -19.37 -11.44 8.98
CA ASN A 437 -18.46 -12.42 9.57
C ASN A 437 -18.56 -13.71 8.81
N ARG A 438 -18.01 -14.81 9.37
CA ARG A 438 -18.01 -16.18 8.82
C ARG A 438 -19.42 -16.74 8.48
N HIS A 439 -20.48 -16.26 9.15
CA HIS A 439 -21.86 -16.73 8.96
C HIS A 439 -22.61 -15.99 7.85
N GLY A 440 -22.15 -14.78 7.53
CA GLY A 440 -22.75 -13.96 6.48
C GLY A 440 -22.98 -12.54 6.92
N VAL A 441 -24.08 -11.94 6.42
CA VAL A 441 -24.51 -10.58 6.74
C VAL A 441 -25.59 -10.69 7.81
N LEU A 442 -25.23 -10.30 9.04
CA LEU A 442 -26.09 -10.39 10.21
C LEU A 442 -26.73 -9.03 10.52
N LEU A 443 -28.05 -9.07 10.77
CA LEU A 443 -28.85 -7.89 11.09
C LEU A 443 -29.16 -7.95 12.58
N ILE A 444 -28.77 -6.89 13.31
CA ILE A 444 -28.89 -6.80 14.77
C ILE A 444 -29.66 -5.56 15.21
N HIS A 445 -30.50 -5.69 16.25
CA HIS A 445 -31.25 -4.58 16.80
C HIS A 445 -30.30 -3.76 17.71
N PRO A 446 -30.16 -2.42 17.51
CA PRO A 446 -29.26 -1.63 18.36
C PRO A 446 -29.61 -1.57 19.85
N LYS A 447 -30.91 -1.47 20.24
CA LYS A 447 -31.30 -1.42 21.66
C LYS A 447 -31.07 -2.79 22.32
N THR A 448 -31.89 -3.81 22.00
CA THR A 448 -31.67 -5.18 22.50
C THR A 448 -30.85 -5.84 21.39
N LYS A 449 -29.60 -6.24 21.68
CA LYS A 449 -28.65 -6.81 20.71
C LYS A 449 -29.05 -8.21 20.13
N ASP A 450 -30.36 -8.39 19.82
CA ASP A 450 -30.95 -9.61 19.25
C ASP A 450 -30.76 -9.65 17.74
N LEU A 451 -30.47 -10.86 17.23
CA LEU A 451 -30.27 -11.11 15.80
C LEU A 451 -31.61 -11.08 15.07
N LEU A 452 -31.86 -10.01 14.30
CA LEU A 452 -33.08 -9.79 13.49
C LEU A 452 -33.20 -10.82 12.33
N THR A 453 -32.08 -11.07 11.61
CA THR A 453 -31.94 -12.02 10.50
C THR A 453 -30.47 -12.22 10.10
N THR A 454 -30.18 -13.36 9.45
CA THR A 454 -28.85 -13.73 8.93
C THR A 454 -29.01 -14.07 7.45
N TYR A 455 -28.28 -13.34 6.60
CA TYR A 455 -28.26 -13.59 5.17
C TYR A 455 -26.96 -14.33 4.85
N PRO A 456 -26.99 -15.67 4.61
CA PRO A 456 -25.73 -16.38 4.29
C PRO A 456 -25.21 -15.97 2.92
N PHE A 457 -23.91 -16.24 2.67
CA PHE A 457 -23.23 -15.89 1.41
C PHE A 457 -23.80 -16.65 0.19
N THR A 458 -24.21 -17.92 0.42
CA THR A 458 -24.83 -18.85 -0.56
C THR A 458 -26.16 -18.33 -1.10
N LYS A 459 -26.82 -17.47 -0.31
CA LYS A 459 -28.14 -16.92 -0.62
C LYS A 459 -28.10 -15.48 -1.17
N ILE A 460 -26.95 -14.77 -1.06
CA ILE A 460 -26.80 -13.40 -1.57
C ILE A 460 -26.54 -13.41 -3.09
N SER A 461 -27.35 -12.64 -3.85
CA SER A 461 -27.29 -12.54 -5.31
C SER A 461 -26.48 -11.36 -5.84
N SER A 462 -26.75 -10.13 -5.32
CA SER A 462 -26.05 -8.92 -5.74
C SER A 462 -26.00 -7.84 -4.65
N TRP A 463 -25.00 -6.94 -4.75
CA TRP A 463 -24.82 -5.80 -3.85
C TRP A 463 -24.18 -4.62 -4.55
N SER A 464 -24.69 -3.42 -4.28
CA SER A 464 -24.12 -2.22 -4.88
C SER A 464 -23.92 -1.13 -3.82
N SER A 465 -22.91 -0.29 -4.01
CA SER A 465 -22.65 0.81 -3.10
C SER A 465 -22.16 2.06 -3.79
N GLY A 466 -22.74 3.17 -3.35
CA GLY A 466 -22.39 4.52 -3.78
C GLY A 466 -21.63 5.17 -2.65
N SER A 467 -21.55 6.50 -2.66
CA SER A 467 -20.88 7.25 -1.60
C SER A 467 -21.86 7.47 -0.45
N THR A 468 -23.18 7.44 -0.75
CA THR A 468 -24.24 7.72 0.20
C THR A 468 -25.07 6.48 0.64
N TYR A 469 -24.81 5.30 0.05
CA TYR A 469 -25.59 4.08 0.36
C TYR A 469 -24.87 2.74 0.21
N PHE A 470 -25.60 1.66 0.53
CA PHE A 470 -25.27 0.25 0.32
C PHE A 470 -26.58 -0.56 0.17
N HIS A 471 -26.68 -1.36 -0.90
CA HIS A 471 -27.84 -2.22 -1.17
C HIS A 471 -27.42 -3.68 -1.25
N MET A 472 -28.38 -4.58 -1.02
CA MET A 472 -28.18 -6.02 -1.09
C MET A 472 -29.48 -6.69 -1.58
N ALA A 473 -29.34 -7.87 -2.23
CA ALA A 473 -30.46 -8.63 -2.81
C ALA A 473 -30.38 -10.14 -2.57
N LEU A 474 -31.58 -10.78 -2.47
CA LEU A 474 -31.77 -12.22 -2.29
C LEU A 474 -32.90 -12.75 -3.17
N SER A 481 -36.11 -10.98 -0.85
CA SER A 481 -35.92 -9.85 0.07
C SER A 481 -34.72 -8.99 -0.35
N ARG A 482 -34.93 -7.66 -0.39
CA ARG A 482 -33.92 -6.66 -0.77
C ARG A 482 -33.65 -5.68 0.38
N LEU A 483 -32.35 -5.50 0.70
CA LEU A 483 -31.86 -4.66 1.80
C LEU A 483 -31.30 -3.30 1.32
N LEU A 484 -31.89 -2.19 1.80
CA LEU A 484 -31.49 -0.81 1.50
C LEU A 484 -30.87 -0.19 2.75
N CYS A 485 -29.62 0.33 2.65
CA CYS A 485 -28.88 0.96 3.75
C CYS A 485 -28.33 2.29 3.31
N GLU A 486 -28.44 3.31 4.18
CA GLU A 486 -27.89 4.65 3.97
C GLU A 486 -26.66 4.71 4.87
N THR A 487 -25.48 4.66 4.24
CA THR A 487 -24.17 4.65 4.91
C THR A 487 -23.07 5.25 4.05
N SER A 488 -22.05 5.83 4.71
CA SER A 488 -20.89 6.35 4.00
C SER A 488 -19.86 5.22 3.88
N LEU A 489 -20.05 4.14 4.66
CA LEU A 489 -19.18 2.95 4.75
C LEU A 489 -19.45 1.86 3.69
N GLY A 490 -20.24 2.21 2.67
CA GLY A 490 -20.60 1.32 1.56
C GLY A 490 -19.44 0.59 0.92
N TYR A 491 -18.31 1.33 0.65
CA TYR A 491 -17.06 0.83 0.06
C TYR A 491 -16.44 -0.33 0.87
N LYS A 492 -16.49 -0.24 2.21
CA LYS A 492 -15.92 -1.26 3.12
C LYS A 492 -16.80 -2.50 3.16
N MET A 493 -18.14 -2.32 3.14
CA MET A 493 -19.14 -3.40 3.12
C MET A 493 -19.04 -4.18 1.81
N ASP A 494 -19.05 -3.43 0.68
CA ASP A 494 -18.91 -3.93 -0.69
C ASP A 494 -17.66 -4.80 -0.77
N ASP A 495 -16.51 -4.25 -0.31
CA ASP A 495 -15.21 -4.90 -0.25
C ASP A 495 -15.22 -6.14 0.63
N LEU A 496 -15.70 -6.04 1.90
CA LEU A 496 -15.66 -7.17 2.82
C LEU A 496 -16.58 -8.32 2.37
N LEU A 497 -17.77 -7.98 1.84
CA LEU A 497 -18.71 -8.97 1.29
C LEU A 497 -18.07 -9.69 0.08
N THR A 498 -17.55 -8.92 -0.93
CA THR A 498 -16.86 -9.49 -2.09
C THR A 498 -15.72 -10.42 -1.65
N SER A 499 -14.89 -9.96 -0.68
CA SER A 499 -13.76 -10.72 -0.15
C SER A 499 -14.16 -12.02 0.55
N TYR A 500 -15.23 -11.98 1.36
CA TYR A 500 -15.76 -13.14 2.06
C TYR A 500 -16.36 -14.14 1.08
N VAL A 501 -17.19 -13.65 0.12
CA VAL A 501 -17.83 -14.43 -0.96
C VAL A 501 -16.75 -15.17 -1.79
N GLN A 502 -15.68 -14.43 -2.24
CA GLN A 502 -14.54 -14.90 -3.02
C GLN A 502 -13.67 -15.99 -2.33
N GLN A 503 -13.90 -16.28 -1.03
CA GLN A 503 -13.17 -17.33 -0.31
C GLN A 503 -13.78 -18.72 -0.67
N LEU A 504 -13.27 -19.34 -1.78
CA LEU A 504 -13.68 -20.63 -2.35
C LEU A 504 -12.44 -21.42 -2.81
N LEU A 505 -12.30 -22.68 -2.34
CA LEU A 505 -11.18 -23.56 -2.71
C LEU A 505 -11.67 -24.92 -3.21
C TAM B . -2.70 9.99 9.79
C1 TAM B . -2.59 9.73 11.31
C2 TAM B . -3.95 9.21 9.35
C3 TAM B . -2.85 11.50 9.47
C4 TAM B . -1.22 9.63 11.98
C5 TAM B . -4.16 9.01 7.86
C6 TAM B . -1.59 12.38 9.52
N TAM B . -1.56 9.43 9.05
O4 TAM B . -1.38 9.38 13.39
O5 TAM B . -5.01 10.05 7.37
O6 TAM B . -1.85 13.62 8.86
C TAM C . 31.87 9.29 -20.83
C1 TAM C . 32.81 8.22 -21.44
C2 TAM C . 31.58 9.03 -19.35
C3 TAM C . 32.44 10.71 -20.94
C4 TAM C . 32.34 7.55 -22.74
C5 TAM C . 30.20 9.50 -18.85
C6 TAM C . 33.95 10.92 -21.04
N TAM C . 30.59 9.19 -21.54
O4 TAM C . 33.42 6.90 -23.43
O5 TAM C . 30.23 10.86 -18.42
O6 TAM C . 34.22 11.71 -22.21
S SO4 D . 16.22 17.07 -33.17
O1 SO4 D . 17.18 16.24 -33.91
O2 SO4 D . 15.29 17.68 -34.11
O3 SO4 D . 15.49 16.22 -32.20
O4 SO4 D . 16.93 18.10 -32.41
S SO4 E . -19.18 -21.07 15.72
O1 SO4 E . -19.35 -21.86 14.50
O2 SO4 E . -17.76 -20.76 15.90
O3 SO4 E . -19.68 -21.83 16.87
O4 SO4 E . -19.95 -19.84 15.60
S SO4 F . 4.71 -5.79 36.94
O1 SO4 F . 6.00 -5.11 37.04
O2 SO4 F . 4.56 -6.36 35.60
O3 SO4 F . 4.64 -6.85 37.93
O4 SO4 F . 3.62 -4.83 37.16
#